data_7QZB
#
_entry.id   7QZB
#
_cell.length_a   94.199
_cell.length_b   94.199
_cell.length_c   33.088
_cell.angle_alpha   90.000
_cell.angle_beta   90.000
_cell.angle_gamma   120.000
#
_symmetry.space_group_name_H-M   'P 31 2 1'
#
loop_
_entity.id
_entity.type
_entity.pdbx_description
1 polymer 'Bromodomain adjacent to zinc finger domain protein 2A'
2 non-polymer 1,2-ETHANEDIOL
3 non-polymer 3-methyl-1-[2-[4-[(4-methyl-1~{H}-pyrazol-3-yl)methyl]piperazin-1-yl]-1,3-thiazol-4-yl]-2,5,6,7-tetrahydroisoindol-4-one
4 water water
#
_entity_poly.entity_id   1
_entity_poly.type   'polypeptide(L)'
_entity_poly.pdbx_seq_one_letter_code
;SMHSDLTFCEIILMEMESHDAAWPFLEPVNPRLVSGYRRIIKNPMDFSTMRHRLSRGGYTSSEEFAADALLVFDNCQTFN
EDDSEVGKAGHIMRRFFESRWEEFY
;
_entity_poly.pdbx_strand_id   A
#
loop_
_chem_comp.id
_chem_comp.type
_chem_comp.name
_chem_comp.formula
EDO non-polymer 1,2-ETHANEDIOL 'C2 H6 O2'
GI0 non-polymer 3-methyl-1-[2-[4-[(4-methyl-1~{H}-pyrazol-3-yl)methyl]piperazin-1-yl]-1,3-thiazol-4-yl]-2,5,6,7-tetrahydroisoindol-4-one 'C21 H26 N6 O S'
#
# COMPACT_ATOMS: atom_id res chain seq x y z
N SER A 4 15.05 -12.35 -8.01
CA SER A 4 13.96 -12.58 -8.95
C SER A 4 12.62 -12.43 -8.27
N ASP A 5 12.50 -12.98 -7.06
CA ASP A 5 11.28 -12.75 -6.29
C ASP A 5 11.09 -11.27 -6.01
N LEU A 6 12.19 -10.51 -5.94
CA LEU A 6 12.10 -9.09 -5.69
C LEU A 6 12.07 -8.26 -6.97
N THR A 7 12.38 -8.87 -8.13
CA THR A 7 12.25 -8.12 -9.38
C THR A 7 10.78 -7.92 -9.75
N PHE A 8 9.90 -8.87 -9.40
CA PHE A 8 8.47 -8.65 -9.60
C PHE A 8 7.95 -7.58 -8.66
N CYS A 9 8.48 -7.52 -7.43
CA CYS A 9 8.05 -6.49 -6.48
C CYS A 9 8.45 -5.10 -6.95
N GLU A 10 9.64 -4.96 -7.53
CA GLU A 10 10.01 -3.68 -8.14
C GLU A 10 9.01 -3.29 -9.23
N ILE A 11 8.66 -4.22 -10.10
CA ILE A 11 7.70 -3.92 -11.17
C ILE A 11 6.37 -3.49 -10.58
N ILE A 12 5.86 -4.25 -9.62
CA ILE A 12 4.52 -3.95 -9.14
C ILE A 12 4.52 -2.66 -8.33
N LEU A 13 5.58 -2.42 -7.55
CA LEU A 13 5.63 -1.20 -6.74
C LEU A 13 5.76 0.01 -7.65
N MET A 14 6.56 -0.10 -8.70
CA MET A 14 6.66 0.98 -9.69
C MET A 14 5.30 1.27 -10.31
N GLU A 15 4.52 0.23 -10.62
CA GLU A 15 3.24 0.45 -11.26
C GLU A 15 2.22 1.03 -10.28
N MET A 16 2.28 0.65 -9.02
CA MET A 16 1.38 1.27 -8.04
C MET A 16 1.76 2.73 -7.80
N GLU A 17 3.06 3.03 -7.73
CA GLU A 17 3.52 4.39 -7.49
C GLU A 17 3.03 5.35 -8.57
N SER A 18 2.95 4.89 -9.82
CA SER A 18 2.56 5.75 -10.92
C SER A 18 1.07 5.67 -11.26
N HIS A 19 0.30 4.86 -10.54
CA HIS A 19 -1.12 4.73 -10.79
C HIS A 19 -1.89 6.00 -10.39
N ASP A 20 -2.88 6.38 -11.20
CA ASP A 20 -3.75 7.52 -10.87
C ASP A 20 -4.33 7.43 -9.47
N ALA A 21 -4.83 6.26 -9.08
CA ALA A 21 -5.47 6.12 -7.77
C ALA A 21 -4.48 6.00 -6.60
N ALA A 22 -3.17 6.19 -6.83
CA ALA A 22 -2.17 5.99 -5.78
C ALA A 22 -2.03 7.18 -4.86
N TRP A 23 -2.62 8.31 -5.20
CA TRP A 23 -2.37 9.56 -4.49
C TRP A 23 -2.55 9.48 -2.96
N PRO A 24 -3.47 8.67 -2.39
CA PRO A 24 -3.55 8.66 -0.92
C PRO A 24 -2.44 7.91 -0.24
N PHE A 25 -1.71 7.08 -0.98
CA PHE A 25 -0.84 6.07 -0.40
C PHE A 25 0.65 6.34 -0.67
N LEU A 26 0.98 7.47 -1.28
CA LEU A 26 2.35 7.73 -1.65
C LEU A 26 3.22 8.16 -0.49
N GLU A 27 2.64 8.62 0.61
CA GLU A 27 3.42 9.03 1.77
C GLU A 27 2.63 8.72 3.03
N PRO A 28 3.29 8.57 4.18
CA PRO A 28 2.56 8.20 5.40
C PRO A 28 1.48 9.23 5.73
N VAL A 29 0.35 8.72 6.22
CA VAL A 29 -0.67 9.61 6.76
C VAL A 29 -0.05 10.40 7.91
N ASN A 30 -0.34 11.70 7.96
CA ASN A 30 0.15 12.54 9.03
C ASN A 30 -0.89 12.56 10.13
N PRO A 31 -0.68 11.86 11.25
CA PRO A 31 -1.75 11.78 12.27
C PRO A 31 -2.08 13.13 12.90
N ARG A 32 -1.18 14.12 12.82
CA ARG A 32 -1.53 15.45 13.32
C ARG A 32 -2.68 16.07 12.53
N LEU A 33 -2.89 15.65 11.29
CA LEU A 33 -3.93 16.22 10.45
C LEU A 33 -5.19 15.37 10.41
N VAL A 34 -5.17 14.17 10.99
CA VAL A 34 -6.24 13.20 10.81
C VAL A 34 -6.67 12.72 12.19
N SER A 35 -7.74 13.33 12.72
CA SER A 35 -8.21 12.98 14.04
C SER A 35 -8.55 11.50 14.11
N GLY A 36 -8.04 10.83 15.15
CA GLY A 36 -8.33 9.42 15.39
C GLY A 36 -7.42 8.44 14.67
N TYR A 37 -6.53 8.90 13.81
CA TYR A 37 -5.79 7.96 12.96
C TYR A 37 -4.85 7.10 13.79
N ARG A 38 -4.09 7.75 14.68
CA ARG A 38 -3.12 7.06 15.53
C ARG A 38 -3.81 6.07 16.45
N ARG A 39 -5.00 6.45 16.96
CA ARG A 39 -5.77 5.57 17.84
C ARG A 39 -6.24 4.31 17.10
N ILE A 40 -6.66 4.46 15.83
CA ILE A 40 -7.33 3.36 15.14
C ILE A 40 -6.36 2.48 14.35
N ILE A 41 -5.34 3.06 13.75
CA ILE A 41 -4.45 2.31 12.85
C ILE A 41 -3.21 1.94 13.64
N LYS A 42 -3.09 0.67 14.00
CA LYS A 42 -1.96 0.21 14.82
C LYS A 42 -0.66 0.17 14.04
N ASN A 43 -0.71 -0.22 12.76
CA ASN A 43 0.49 -0.44 11.95
C ASN A 43 0.37 0.30 10.62
N PRO A 44 0.64 1.61 10.61
CA PRO A 44 0.58 2.37 9.36
C PRO A 44 1.53 1.82 8.31
N MET A 45 1.14 1.95 7.04
CA MET A 45 2.00 1.54 5.94
C MET A 45 1.62 2.35 4.72
N ASP A 46 2.60 2.60 3.86
CA ASP A 46 2.37 3.37 2.64
C ASP A 46 3.44 3.00 1.61
N PHE A 47 3.31 3.55 0.40
CA PHE A 47 4.15 3.09 -0.70
C PHE A 47 5.59 3.57 -0.55
N SER A 48 5.80 4.80 -0.05
CA SER A 48 7.17 5.26 0.15
C SER A 48 7.86 4.46 1.24
N THR A 49 7.13 4.05 2.28
CA THR A 49 7.73 3.16 3.28
C THR A 49 8.13 1.84 2.63
N MET A 50 7.28 1.29 1.76
CA MET A 50 7.65 0.07 1.06
C MET A 50 8.84 0.32 0.14
N ARG A 51 8.82 1.46 -0.55
CA ARG A 51 9.95 1.81 -1.42
C ARG A 51 11.23 1.91 -0.61
N HIS A 52 11.20 2.66 0.49
CA HIS A 52 12.35 2.78 1.37
C HIS A 52 12.85 1.41 1.81
N ARG A 53 11.93 0.51 2.18
CA ARG A 53 12.36 -0.80 2.65
C ARG A 53 12.91 -1.66 1.52
N LEU A 54 12.34 -1.52 0.32
CA LEU A 54 12.86 -2.27 -0.82
C LEU A 54 14.24 -1.78 -1.22
N SER A 55 14.48 -0.46 -1.14
CA SER A 55 15.80 0.09 -1.45
C SER A 55 16.85 -0.40 -0.46
N ARG A 56 16.49 -0.48 0.82
CA ARG A 56 17.40 -1.01 1.84
C ARG A 56 17.70 -2.49 1.63
N GLY A 57 16.84 -3.21 0.91
CA GLY A 57 16.93 -4.64 0.81
C GLY A 57 16.25 -5.38 1.93
N GLY A 58 15.33 -4.74 2.64
CA GLY A 58 14.73 -5.28 3.86
C GLY A 58 13.61 -6.28 3.65
N TYR A 59 13.31 -6.65 2.41
CA TYR A 59 12.40 -7.75 2.12
C TYR A 59 13.13 -9.07 1.84
N THR A 60 12.78 -10.10 2.61
CA THR A 60 13.35 -11.42 2.41
C THR A 60 12.74 -12.10 1.19
N SER A 61 11.42 -12.18 1.15
CA SER A 61 10.68 -12.85 0.09
C SER A 61 9.63 -11.89 -0.45
N SER A 62 8.92 -12.33 -1.49
CA SER A 62 7.84 -11.51 -2.01
C SER A 62 6.61 -11.54 -1.10
N GLU A 63 6.49 -12.54 -0.22
CA GLU A 63 5.34 -12.59 0.68
C GLU A 63 5.40 -11.49 1.72
N GLU A 64 6.59 -11.16 2.20
CA GLU A 64 6.72 -10.01 3.10
C GLU A 64 6.32 -8.72 2.39
N PHE A 65 6.70 -8.59 1.12
CA PHE A 65 6.28 -7.44 0.33
C PHE A 65 4.77 -7.40 0.20
N ALA A 66 4.15 -8.54 -0.10
CA ALA A 66 2.69 -8.55 -0.21
C ALA A 66 2.04 -8.25 1.13
N ALA A 67 2.64 -8.67 2.24
CA ALA A 67 2.09 -8.36 3.55
C ALA A 67 1.97 -6.86 3.75
N ASP A 68 3.01 -6.10 3.38
CA ASP A 68 2.97 -4.65 3.52
C ASP A 68 1.94 -4.04 2.57
N ALA A 69 1.92 -4.50 1.31
CA ALA A 69 0.93 -4.01 0.36
C ALA A 69 -0.48 -4.23 0.90
N LEU A 70 -0.76 -5.45 1.34
CA LEU A 70 -2.09 -5.73 1.86
C LEU A 70 -2.41 -4.89 3.08
N LEU A 71 -1.37 -4.55 3.86
CA LEU A 71 -1.57 -3.72 5.04
C LEU A 71 -2.03 -2.31 4.66
N VAL A 72 -1.45 -1.75 3.58
CA VAL A 72 -1.90 -0.44 3.11
C VAL A 72 -3.41 -0.44 2.91
N PHE A 73 -3.95 -1.50 2.30
CA PHE A 73 -5.37 -1.52 1.94
C PHE A 73 -6.26 -2.00 3.07
N ASP A 74 -5.74 -2.82 3.98
CA ASP A 74 -6.46 -3.11 5.23
C ASP A 74 -6.64 -1.85 6.07
N ASN A 75 -5.54 -1.09 6.28
CA ASN A 75 -5.64 0.17 7.00
C ASN A 75 -6.64 1.10 6.33
N CYS A 76 -6.54 1.24 5.01
CA CYS A 76 -7.46 2.10 4.27
C CYS A 76 -8.91 1.70 4.52
N GLN A 77 -9.21 0.41 4.45
CA GLN A 77 -10.59 -0.02 4.65
C GLN A 77 -11.02 0.04 6.12
N THR A 78 -10.07 -0.04 7.04
CA THR A 78 -10.40 0.15 8.45
C THR A 78 -10.77 1.60 8.75
N PHE A 79 -10.03 2.55 8.19
CA PHE A 79 -10.27 3.93 8.57
C PHE A 79 -11.27 4.66 7.69
N ASN A 80 -11.37 4.35 6.41
CA ASN A 80 -12.19 5.13 5.48
C ASN A 80 -13.42 4.36 5.03
N GLU A 81 -14.54 5.08 4.97
CA GLU A 81 -15.76 4.55 4.39
C GLU A 81 -15.52 4.12 2.94
N ASP A 82 -16.18 3.04 2.52
CA ASP A 82 -16.05 2.55 1.16
C ASP A 82 -16.45 3.59 0.13
N ASP A 83 -17.36 4.51 0.46
CA ASP A 83 -17.75 5.54 -0.49
C ASP A 83 -16.99 6.85 -0.32
N SER A 84 -16.02 6.90 0.60
CA SER A 84 -15.22 8.11 0.72
C SER A 84 -14.25 8.18 -0.45
N GLU A 85 -13.64 9.36 -0.62
CA GLU A 85 -12.71 9.54 -1.73
C GLU A 85 -11.46 8.69 -1.55
N VAL A 86 -10.93 8.61 -0.32
CA VAL A 86 -9.79 7.75 -0.05
C VAL A 86 -10.19 6.28 -0.14
N GLY A 87 -11.37 5.93 0.38
CA GLY A 87 -11.82 4.55 0.28
C GLY A 87 -11.96 4.10 -1.16
N LYS A 88 -12.56 4.95 -1.99
CA LYS A 88 -12.72 4.61 -3.40
C LYS A 88 -11.37 4.42 -4.09
N ALA A 89 -10.40 5.27 -3.79
CA ALA A 89 -9.08 5.10 -4.38
C ALA A 89 -8.46 3.79 -3.91
N GLY A 90 -8.64 3.46 -2.62
CA GLY A 90 -8.04 2.25 -2.09
C GLY A 90 -8.61 1.00 -2.69
N HIS A 91 -9.90 0.99 -2.99
CA HIS A 91 -10.45 -0.18 -3.65
C HIS A 91 -9.85 -0.36 -5.04
N ILE A 92 -9.63 0.74 -5.75
CA ILE A 92 -9.00 0.66 -7.07
C ILE A 92 -7.59 0.12 -6.94
N MET A 93 -6.84 0.61 -5.94
CA MET A 93 -5.45 0.18 -5.81
C MET A 93 -5.38 -1.25 -5.30
N ARG A 94 -6.31 -1.64 -4.43
CA ARG A 94 -6.32 -3.00 -3.91
C ARG A 94 -6.60 -4.00 -5.03
N ARG A 95 -7.64 -3.74 -5.82
CA ARG A 95 -7.93 -4.63 -6.94
C ARG A 95 -6.76 -4.64 -7.94
N PHE A 96 -6.15 -3.48 -8.19
CA PHE A 96 -4.96 -3.46 -9.05
C PHE A 96 -3.89 -4.40 -8.51
N PHE A 97 -3.54 -4.26 -7.23
CA PHE A 97 -2.48 -5.07 -6.65
C PHE A 97 -2.81 -6.55 -6.71
N GLU A 98 -4.03 -6.92 -6.31
CA GLU A 98 -4.39 -8.33 -6.29
C GLU A 98 -4.33 -8.92 -7.68
N SER A 99 -4.70 -8.15 -8.70
CA SER A 99 -4.72 -8.68 -10.06
C SER A 99 -3.32 -8.79 -10.64
N ARG A 100 -2.46 -7.81 -10.36
CA ARG A 100 -1.08 -7.90 -10.83
C ARG A 100 -0.31 -8.98 -10.08
N TRP A 101 -0.59 -9.11 -8.79
CA TRP A 101 0.05 -10.17 -8.02
C TRP A 101 -0.29 -11.55 -8.61
N GLU A 102 -1.56 -11.79 -8.90
CA GLU A 102 -1.94 -13.08 -9.47
C GLU A 102 -1.40 -13.26 -10.88
N GLU A 103 -1.20 -12.15 -11.61
CA GLU A 103 -0.62 -12.20 -12.95
C GLU A 103 0.84 -12.62 -12.94
N PHE A 104 1.43 -12.79 -11.76
CA PHE A 104 2.77 -13.35 -11.62
C PHE A 104 2.77 -14.68 -10.88
N TYR A 105 2.18 -14.73 -9.69
CA TYR A 105 2.12 -15.94 -8.89
C TYR A 105 0.72 -16.56 -8.92
C1 EDO B . -2.50 13.50 5.98
O1 EDO B . -1.29 12.77 5.74
C2 EDO B . -3.23 13.76 4.67
O2 EDO B . -4.17 14.82 4.89
C16 GI0 C . -4.77 11.55 2.26
C19 GI0 C . -4.96 10.21 2.97
C29 GI0 C . -5.87 9.92 4.05
C17 GI0 C . -5.69 12.57 2.24
C14 GI0 C . -3.70 13.12 0.85
C13 GI0 C . -0.76 13.61 -1.62
C22 GI0 C . -4.30 6.54 3.34
C27 GI0 C . -7.20 10.16 6.24
C26 GI0 C . -7.53 8.68 6.15
C24 GI0 C . -6.57 7.90 5.46
C23 GI0 C . -5.73 8.56 4.32
C12 GI0 C . -1.34 13.43 -0.19
C21 GI0 C . -4.78 8.01 3.42
C01 GI0 C . 0.86 12.99 -5.23
C02 GI0 C . -0.63 13.54 -5.43
C03 GI0 C . -1.53 13.18 -6.46
C06 GI0 C . -1.27 14.45 -4.62
C07 GI0 C . -0.65 15.09 -3.36
C09 GI0 C . -2.05 15.58 -1.70
C10 GI0 C . -3.14 14.97 -0.81
C28 GI0 C . -6.87 10.82 4.91
N04 GI0 C . -2.58 13.82 -6.27
N05 GI0 C . -2.46 14.66 -5.11
N08 GI0 C . -1.34 14.62 -2.35
N11 GI0 C . -2.73 13.81 -0.03
N15 GI0 C . -3.55 11.88 1.39
N20 GI0 C . -4.35 9.04 2.62
O25 GI0 C . -6.39 6.72 5.71
S18 GI0 C . -5.13 13.80 1.32
#